data_7JO8
#
_entry.id   7JO8
#
_cell.length_a   79.322
_cell.length_b   79.221
_cell.length_c   40.616
_cell.angle_alpha   90.000
_cell.angle_beta   109.560
_cell.angle_gamma   90.000
#
_symmetry.space_group_name_H-M   'C 1 2 1'
#
loop_
_entity.id
_entity.type
_entity.pdbx_description
1 polymer 47G4-CD828Z
2 non-polymer 'PENTAETHYLENE GLYCOL'
3 non-polymer 'MALONATE ION'
4 non-polymer 'TETRAETHYLENE GLYCOL'
5 water water
#
_entity_poly.entity_id   1
_entity_poly.type   'polypeptide(L)'
_entity_poly.pdbx_seq_one_letter_code
;EIVLTQSPGTLSLSPGERATLSCRASQSVSSSYLAWYQQKPGQAPRLLIYGASSRATGIPDRFSGSGSGTDFTLTISRLE
PEDFAVYYCQQYGSSRFTFGPGTKVDIKGS
;
_entity_poly.pdbx_strand_id   A,B
#
loop_
_chem_comp.id
_chem_comp.type
_chem_comp.name
_chem_comp.formula
1PE non-polymer 'PENTAETHYLENE GLYCOL' 'C10 H22 O6'
MLI non-polymer 'MALONATE ION' 'C3 H2 O4 -2'
PG4 non-polymer 'TETRAETHYLENE GLYCOL' 'C8 H18 O5'
#
# COMPACT_ATOMS: atom_id res chain seq x y z
N ILE A 2 -14.03 -1.83 -6.09
CA ILE A 2 -13.40 -0.80 -6.91
C ILE A 2 -11.97 -1.21 -7.26
N VAL A 3 -11.63 -1.20 -8.55
CA VAL A 3 -10.27 -1.49 -8.98
C VAL A 3 -9.62 -0.17 -9.36
N LEU A 4 -8.40 0.09 -8.87
CA LEU A 4 -7.63 1.27 -9.23
C LEU A 4 -6.52 0.89 -10.21
N THR A 5 -6.39 1.65 -11.28
CA THR A 5 -5.24 1.50 -12.17
C THR A 5 -4.45 2.80 -12.14
N GLN A 6 -3.17 2.73 -12.49
CA GLN A 6 -2.33 3.92 -12.47
C GLN A 6 -1.50 3.99 -13.73
N SER A 7 -1.26 5.22 -14.19
N SER A 7 -1.24 5.21 -14.16
CA SER A 7 -0.39 5.49 -15.33
CA SER A 7 -0.46 5.40 -15.36
C SER A 7 0.50 6.67 -14.99
C SER A 7 0.33 6.70 -15.25
N PRO A 8 1.74 6.70 -15.51
N PRO A 8 1.57 6.72 -15.74
CA PRO A 8 2.37 5.64 -16.28
CA PRO A 8 2.31 5.60 -16.34
C PRO A 8 2.90 4.62 -15.31
C PRO A 8 2.71 4.53 -15.34
N GLY A 9 3.38 3.49 -15.83
CA GLY A 9 3.93 2.49 -14.91
C GLY A 9 5.23 2.99 -14.31
N THR A 10 6.11 3.45 -15.19
CA THR A 10 7.38 4.04 -14.85
C THR A 10 7.55 5.30 -15.69
N LEU A 11 8.18 6.30 -15.08
CA LEU A 11 8.43 7.60 -15.70
C LEU A 11 9.80 8.06 -15.23
N SER A 12 10.72 8.39 -16.12
CA SER A 12 12.00 8.94 -15.66
C SER A 12 12.13 10.41 -16.07
N LEU A 13 12.49 11.26 -15.11
CA LEU A 13 12.49 12.70 -15.33
C LEU A 13 13.71 13.29 -14.65
N SER A 14 14.03 14.50 -14.99
CA SER A 14 15.12 15.20 -14.31
C SER A 14 14.59 16.10 -13.21
N PRO A 15 15.42 16.40 -12.19
CA PRO A 15 15.04 17.44 -11.23
C PRO A 15 14.64 18.72 -11.94
N GLY A 16 13.60 19.35 -11.43
CA GLY A 16 13.03 20.54 -12.02
C GLY A 16 11.87 20.29 -12.95
N GLU A 17 11.68 19.08 -13.44
CA GLU A 17 10.61 18.77 -14.37
C GLU A 17 9.30 18.53 -13.62
N ARG A 18 8.19 18.59 -14.36
CA ARG A 18 6.86 18.30 -13.82
C ARG A 18 6.48 16.85 -14.08
N ALA A 19 5.90 16.19 -13.06
CA ALA A 19 5.35 14.85 -13.22
C ALA A 19 3.84 14.90 -13.05
N THR A 20 3.12 14.24 -13.96
CA THR A 20 1.67 14.16 -13.94
C THR A 20 1.31 12.69 -13.87
N LEU A 21 0.72 12.26 -12.77
CA LEU A 21 0.43 10.86 -12.50
C LEU A 21 -1.09 10.67 -12.46
N SER A 22 -1.57 9.61 -13.08
CA SER A 22 -3.01 9.34 -13.17
C SER A 22 -3.41 8.14 -12.37
N CYS A 23 -4.61 8.21 -11.78
N CYS A 23 -4.58 8.25 -11.72
CA CYS A 23 -5.24 7.07 -11.09
CA CYS A 23 -5.28 7.13 -11.13
C CYS A 23 -6.68 7.04 -11.58
C CYS A 23 -6.67 7.08 -11.74
N ARG A 24 -7.13 5.88 -12.04
CA ARG A 24 -8.49 5.70 -12.54
C ARG A 24 -9.17 4.64 -11.70
N ALA A 25 -10.40 4.91 -11.27
CA ALA A 25 -11.18 3.99 -10.45
C ALA A 25 -12.22 3.35 -11.36
N SER A 26 -12.53 2.07 -11.12
CA SER A 26 -13.52 1.39 -11.96
C SER A 26 -14.96 1.81 -11.67
N GLN A 27 -15.19 2.48 -10.55
CA GLN A 27 -16.50 3.02 -10.19
C GLN A 27 -16.23 4.30 -9.41
N SER A 28 -17.24 5.16 -9.32
CA SER A 28 -17.10 6.41 -8.60
C SER A 28 -16.62 6.15 -7.17
N VAL A 29 -15.71 7.01 -6.70
CA VAL A 29 -15.16 6.92 -5.36
C VAL A 29 -15.99 7.80 -4.43
N SER A 30 -16.61 7.17 -3.42
CA SER A 30 -17.50 7.87 -2.50
C SER A 30 -16.81 9.05 -1.85
N SER A 31 -17.47 10.22 -1.87
CA SER A 31 -17.04 11.44 -1.19
C SER A 31 -15.64 11.89 -1.58
N SER A 32 -15.11 11.41 -2.70
CA SER A 32 -13.77 11.80 -3.11
C SER A 32 -12.71 11.33 -2.12
N TYR A 33 -12.96 10.21 -1.44
CA TYR A 33 -12.02 9.61 -0.48
C TYR A 33 -10.93 8.83 -1.23
N LEU A 34 -10.03 9.59 -1.82
CA LEU A 34 -8.94 9.08 -2.62
C LEU A 34 -7.67 9.70 -2.06
N ALA A 35 -6.70 8.85 -1.69
CA ALA A 35 -5.46 9.35 -1.14
C ALA A 35 -4.28 9.00 -2.04
N TRP A 36 -3.21 9.76 -1.90
CA TRP A 36 -1.98 9.49 -2.62
C TRP A 36 -0.86 9.37 -1.61
N TYR A 37 0.06 8.42 -1.86
CA TYR A 37 1.21 8.18 -1.01
C TYR A 37 2.50 8.15 -1.81
N GLN A 38 3.59 8.52 -1.16
CA GLN A 38 4.93 8.40 -1.71
C GLN A 38 5.66 7.32 -0.93
N GLN A 39 6.28 6.38 -1.64
CA GLN A 39 7.07 5.37 -0.94
C GLN A 39 8.51 5.42 -1.46
N LYS A 40 9.42 5.77 -0.59
CA LYS A 40 10.84 5.69 -0.92
C LYS A 40 11.37 4.30 -0.56
N PRO A 41 12.48 3.88 -1.17
CA PRO A 41 12.98 2.52 -0.94
C PRO A 41 13.25 2.30 0.54
N GLY A 42 12.79 1.15 1.05
CA GLY A 42 13.05 0.80 2.42
C GLY A 42 12.17 1.48 3.44
N GLN A 43 11.19 2.28 3.02
CA GLN A 43 10.32 3.02 3.92
C GLN A 43 8.87 2.65 3.67
N ALA A 44 8.05 2.85 4.71
CA ALA A 44 6.63 2.75 4.49
C ALA A 44 6.14 3.91 3.65
N PRO A 45 4.99 3.75 2.99
CA PRO A 45 4.39 4.89 2.28
C PRO A 45 4.05 6.05 3.21
N ARG A 46 4.19 7.25 2.71
CA ARG A 46 3.90 8.46 3.46
C ARG A 46 2.75 9.17 2.76
N LEU A 47 1.75 9.55 3.54
CA LEU A 47 0.58 10.23 2.95
C LEU A 47 0.92 11.62 2.41
N LEU A 48 0.56 11.85 1.14
CA LEU A 48 0.73 13.16 0.52
C LEU A 48 -0.58 13.94 0.42
N ILE A 49 -1.63 13.26 -0.08
CA ILE A 49 -2.91 13.87 -0.44
C ILE A 49 -3.99 12.99 0.12
N TYR A 50 -5.03 13.61 0.69
CA TYR A 50 -6.21 12.86 1.09
C TYR A 50 -7.45 13.59 0.58
N GLY A 51 -8.59 12.91 0.55
CA GLY A 51 -9.81 13.53 0.04
C GLY A 51 -9.62 14.09 -1.37
N ALA A 52 -8.77 13.43 -2.17
CA ALA A 52 -8.46 13.75 -3.58
C ALA A 52 -7.64 15.01 -3.78
N SER A 53 -7.89 16.06 -3.00
N SER A 53 -7.93 16.07 -3.01
CA SER A 53 -7.20 17.30 -3.29
CA SER A 53 -7.35 17.39 -3.26
C SER A 53 -6.64 18.03 -2.06
C SER A 53 -6.58 17.99 -2.08
N SER A 54 -6.66 17.41 -0.89
CA SER A 54 -6.10 18.05 0.31
C SER A 54 -4.67 17.61 0.54
N ARG A 55 -3.74 18.55 0.65
CA ARG A 55 -2.40 18.17 1.08
C ARG A 55 -2.39 17.84 2.57
N ALA A 56 -1.70 16.73 2.91
CA ALA A 56 -1.55 16.36 4.31
C ALA A 56 -0.61 17.32 5.00
N THR A 57 -0.67 17.30 6.34
CA THR A 57 0.12 18.24 7.13
C THR A 57 1.58 18.17 6.73
N GLY A 58 2.16 19.35 6.48
CA GLY A 58 3.58 19.45 6.19
C GLY A 58 3.97 19.16 4.76
N ILE A 59 3.03 18.74 3.91
CA ILE A 59 3.38 18.38 2.53
C ILE A 59 3.60 19.67 1.73
N PRO A 60 4.70 19.78 0.98
CA PRO A 60 4.98 21.02 0.23
C PRO A 60 4.02 21.27 -0.93
N ASP A 61 3.94 22.55 -1.30
CA ASP A 61 2.94 22.91 -2.29
C ASP A 61 3.28 22.45 -3.69
N ARG A 62 4.47 21.90 -3.94
CA ARG A 62 4.70 21.35 -5.27
C ARG A 62 3.89 20.07 -5.52
N PHE A 63 3.33 19.42 -4.49
CA PHE A 63 2.43 18.30 -4.72
C PHE A 63 1.01 18.79 -4.75
N SER A 64 0.26 18.38 -5.78
N SER A 64 0.25 18.38 -5.78
CA SER A 64 -1.13 18.80 -5.91
CA SER A 64 -1.16 18.80 -5.80
C SER A 64 -1.94 17.59 -6.36
C SER A 64 -2.03 17.74 -6.45
N GLY A 65 -3.09 17.36 -5.72
CA GLY A 65 -4.03 16.36 -6.17
C GLY A 65 -5.29 16.99 -6.72
N SER A 66 -5.87 16.35 -7.73
CA SER A 66 -7.11 16.84 -8.31
C SER A 66 -7.93 15.66 -8.78
N GLY A 67 -9.21 15.95 -9.01
CA GLY A 67 -10.14 15.02 -9.58
C GLY A 67 -11.29 14.72 -8.63
N SER A 68 -12.26 14.03 -9.19
CA SER A 68 -13.48 13.63 -8.51
C SER A 68 -14.04 12.50 -9.37
N GLY A 69 -14.92 11.71 -8.76
CA GLY A 69 -15.53 10.63 -9.51
C GLY A 69 -14.62 9.43 -9.74
N THR A 70 -14.19 9.23 -11.00
CA THR A 70 -13.33 8.12 -11.34
C THR A 70 -11.95 8.48 -11.87
N ASP A 71 -11.62 9.77 -12.01
CA ASP A 71 -10.36 10.15 -12.64
C ASP A 71 -9.63 11.12 -11.73
N PHE A 72 -8.43 10.72 -11.30
CA PHE A 72 -7.67 11.48 -10.32
C PHE A 72 -6.26 11.71 -10.83
N THR A 73 -5.67 12.83 -10.43
CA THR A 73 -4.34 13.21 -10.89
C THR A 73 -3.51 13.71 -9.72
N LEU A 74 -2.25 13.28 -9.66
CA LEU A 74 -1.25 13.85 -8.77
C LEU A 74 -0.23 14.54 -9.64
N THR A 75 0.00 15.83 -9.37
N THR A 75 0.05 15.82 -9.36
CA THR A 75 1.00 16.61 -10.06
CA THR A 75 1.00 16.59 -10.15
C THR A 75 2.11 16.93 -9.09
C THR A 75 2.10 17.11 -9.22
N ILE A 76 3.35 16.76 -9.54
CA ILE A 76 4.51 17.25 -8.81
C ILE A 76 5.09 18.34 -9.69
N SER A 77 4.97 19.61 -9.28
CA SER A 77 5.16 20.72 -10.21
C SER A 77 6.62 20.87 -10.65
N ARG A 78 7.56 20.69 -9.72
CA ARG A 78 8.98 20.85 -10.00
C ARG A 78 9.71 19.84 -9.12
N LEU A 79 10.16 18.75 -9.71
CA LEU A 79 10.71 17.63 -8.95
C LEU A 79 12.00 18.04 -8.25
N GLU A 80 12.09 17.69 -6.97
CA GLU A 80 13.36 17.76 -6.25
C GLU A 80 13.97 16.37 -6.21
N PRO A 81 15.28 16.27 -5.96
CA PRO A 81 15.91 14.93 -5.89
C PRO A 81 15.25 13.97 -4.91
N GLU A 82 14.71 14.48 -3.81
N GLU A 82 14.72 14.47 -3.79
CA GLU A 82 14.04 13.68 -2.79
CA GLU A 82 14.10 13.55 -2.85
C GLU A 82 12.62 13.29 -3.19
C GLU A 82 12.81 12.94 -3.38
N ASP A 83 12.23 13.54 -4.43
CA ASP A 83 10.89 13.17 -4.90
C ASP A 83 10.89 11.91 -5.74
N PHE A 84 12.02 11.36 -6.01
CA PHE A 84 12.09 10.14 -6.79
C PHE A 84 11.73 8.95 -5.91
N ALA A 85 10.66 8.26 -6.28
CA ALA A 85 10.00 7.29 -5.40
C ALA A 85 8.88 6.61 -6.18
N VAL A 86 8.16 5.70 -5.52
CA VAL A 86 6.97 5.10 -6.10
C VAL A 86 5.75 5.74 -5.47
N TYR A 87 4.79 6.13 -6.30
CA TYR A 87 3.60 6.83 -5.84
C TYR A 87 2.37 5.95 -6.04
N TYR A 88 1.53 5.86 -4.99
CA TYR A 88 0.35 5.01 -5.00
C TYR A 88 -0.90 5.81 -4.70
N CYS A 89 -1.97 5.50 -5.39
N CYS A 89 -2.00 5.38 -5.31
CA CYS A 89 -3.28 5.96 -4.91
CA CYS A 89 -3.33 5.87 -5.02
C CYS A 89 -3.96 4.87 -4.09
C CYS A 89 -4.10 4.83 -4.23
N GLN A 90 -4.94 5.30 -3.29
CA GLN A 90 -5.74 4.37 -2.49
C GLN A 90 -7.12 4.96 -2.41
N GLN A 91 -8.14 4.13 -2.59
CA GLN A 91 -9.50 4.60 -2.36
C GLN A 91 -9.96 4.04 -1.02
N TYR A 92 -10.58 4.89 -0.22
CA TYR A 92 -11.04 4.47 1.10
C TYR A 92 -12.48 4.88 1.33
N GLY A 93 -13.27 4.85 0.26
CA GLY A 93 -14.68 5.18 0.35
C GLY A 93 -15.58 3.96 0.44
N SER A 94 -15.06 2.77 0.17
CA SER A 94 -15.94 1.60 0.05
C SER A 94 -15.16 0.29 0.04
N SER A 95 -15.81 -0.76 0.53
CA SER A 95 -15.36 -2.17 0.38
C SER A 95 -13.96 -2.32 0.97
N ARG A 96 -13.15 -3.19 0.36
CA ARG A 96 -11.75 -3.25 0.73
C ARG A 96 -11.08 -1.97 0.23
N PHE A 97 -10.20 -1.37 1.06
CA PHE A 97 -9.60 -0.08 0.73
C PHE A 97 -8.33 -0.37 -0.08
N THR A 98 -8.51 -0.48 -1.38
CA THR A 98 -7.41 -1.00 -2.17
C THR A 98 -6.52 0.12 -2.70
N PHE A 99 -5.32 -0.29 -3.04
CA PHE A 99 -4.30 0.55 -3.67
C PHE A 99 -4.26 0.33 -5.17
N GLY A 100 -3.82 1.37 -5.86
CA GLY A 100 -3.38 1.22 -7.24
C GLY A 100 -2.04 0.52 -7.29
N PRO A 101 -1.57 0.19 -8.51
CA PRO A 101 -0.34 -0.62 -8.67
C PRO A 101 0.94 0.20 -8.61
N GLY A 102 0.85 1.52 -8.53
CA GLY A 102 2.02 2.36 -8.36
C GLY A 102 2.56 2.93 -9.66
N THR A 103 3.10 4.14 -9.56
CA THR A 103 3.91 4.73 -10.63
C THR A 103 5.30 4.98 -10.07
N LYS A 104 6.30 4.38 -10.72
CA LYS A 104 7.70 4.61 -10.35
C LYS A 104 8.21 5.87 -11.02
N VAL A 105 8.63 6.85 -10.22
CA VAL A 105 9.20 8.09 -10.75
C VAL A 105 10.69 8.01 -10.48
N ASP A 106 11.48 7.83 -11.53
CA ASP A 106 12.89 7.56 -11.44
C ASP A 106 13.65 8.77 -11.99
N ILE A 107 14.92 8.91 -11.57
CA ILE A 107 15.79 9.97 -12.07
C ILE A 107 16.20 9.62 -13.51
N LYS A 108 16.07 10.59 -14.42
CA LYS A 108 16.44 10.37 -15.83
C LYS A 108 17.94 10.13 -16.00
N GLU B 1 2.00 -8.09 -15.01
CA GLU B 1 2.27 -7.70 -13.63
C GLU B 1 1.89 -8.80 -12.65
N ILE B 2 2.57 -8.85 -11.52
CA ILE B 2 2.27 -9.86 -10.50
C ILE B 2 1.08 -9.40 -9.67
N VAL B 3 0.08 -10.27 -9.51
CA VAL B 3 -1.12 -9.97 -8.73
C VAL B 3 -1.06 -10.67 -7.38
N LEU B 4 -1.30 -9.93 -6.30
CA LEU B 4 -1.39 -10.49 -4.95
C LEU B 4 -2.85 -10.56 -4.52
N THR B 5 -3.24 -11.70 -3.94
CA THR B 5 -4.53 -11.80 -3.29
C THR B 5 -4.28 -12.02 -1.81
N GLN B 6 -5.29 -11.68 -0.99
CA GLN B 6 -5.17 -11.86 0.46
C GLN B 6 -6.42 -12.50 1.00
N SER B 7 -6.20 -13.35 2.01
N SER B 7 -6.23 -13.41 1.98
CA SER B 7 -7.25 -14.11 2.67
CA SER B 7 -7.34 -14.12 2.61
C SER B 7 -6.95 -14.13 4.15
C SER B 7 -7.00 -14.29 4.09
N PRO B 8 -7.98 -14.14 4.99
CA PRO B 8 -9.37 -13.88 4.65
C PRO B 8 -9.55 -12.41 4.28
N GLY B 9 -10.72 -12.04 3.80
CA GLY B 9 -10.98 -10.61 3.55
C GLY B 9 -11.20 -9.86 4.85
N THR B 10 -12.04 -10.41 5.72
N THR B 10 -12.01 -10.43 5.73
CA THR B 10 -12.26 -9.90 7.06
CA THR B 10 -12.26 -9.93 7.06
C THR B 10 -12.25 -11.10 8.01
C THR B 10 -12.18 -11.12 8.00
N LEU B 11 -11.73 -10.85 9.22
CA LEU B 11 -11.56 -11.89 10.22
C LEU B 11 -11.85 -11.22 11.55
N SER B 12 -12.77 -11.75 12.36
CA SER B 12 -13.00 -11.18 13.67
C SER B 12 -12.57 -12.15 14.78
N LEU B 13 -11.76 -11.64 15.72
CA LEU B 13 -11.17 -12.44 16.77
C LEU B 13 -11.17 -11.65 18.07
N SER B 14 -10.96 -12.34 19.17
CA SER B 14 -10.81 -11.63 20.44
C SER B 14 -9.35 -11.35 20.73
N PRO B 15 -9.07 -10.32 21.55
CA PRO B 15 -7.72 -10.17 22.08
C PRO B 15 -7.27 -11.50 22.70
N GLY B 16 -5.99 -11.81 22.52
CA GLY B 16 -5.41 -13.03 23.00
C GLY B 16 -5.41 -14.17 22.00
N GLU B 17 -6.23 -14.09 20.95
CA GLU B 17 -6.29 -15.14 19.93
C GLU B 17 -5.18 -14.97 18.91
N ARG B 18 -4.88 -16.06 18.19
CA ARG B 18 -3.92 -16.04 17.10
C ARG B 18 -4.60 -15.70 15.79
N ALA B 19 -4.00 -14.81 15.03
CA ALA B 19 -4.48 -14.48 13.69
C ALA B 19 -3.49 -15.01 12.67
N THR B 20 -4.00 -15.67 11.62
CA THR B 20 -3.16 -16.16 10.55
C THR B 20 -3.67 -15.57 9.23
N LEU B 21 -2.85 -14.77 8.58
CA LEU B 21 -3.22 -14.02 7.38
C LEU B 21 -2.41 -14.51 6.18
N SER B 22 -3.05 -14.71 5.03
N SER B 22 -3.07 -14.66 5.03
CA SER B 22 -2.36 -15.28 3.87
CA SER B 22 -2.45 -15.26 3.84
C SER B 22 -2.25 -14.28 2.75
C SER B 22 -2.30 -14.23 2.74
N CYS B 23 -1.11 -14.32 2.06
N CYS B 23 -1.21 -14.35 1.98
CA CYS B 23 -0.90 -13.62 0.81
CA CYS B 23 -0.97 -13.53 0.80
C CYS B 23 -0.56 -14.64 -0.25
C CYS B 23 -0.46 -14.47 -0.27
N ARG B 24 -1.18 -14.54 -1.42
CA ARG B 24 -0.83 -15.46 -2.50
C ARG B 24 -0.53 -14.68 -3.76
N ALA B 25 0.53 -15.07 -4.44
CA ALA B 25 0.98 -14.38 -5.64
C ALA B 25 0.62 -15.18 -6.88
N SER B 26 0.43 -14.47 -8.00
CA SER B 26 0.06 -15.11 -9.26
C SER B 26 1.23 -15.87 -9.94
N GLN B 27 2.46 -15.62 -9.52
CA GLN B 27 3.63 -16.38 -9.95
C GLN B 27 4.61 -16.34 -8.77
N SER B 28 5.67 -17.13 -8.81
N SER B 28 5.62 -17.20 -8.86
CA SER B 28 6.59 -17.12 -7.67
CA SER B 28 6.69 -17.24 -7.87
C SER B 28 7.16 -15.71 -7.41
C SER B 28 7.32 -15.87 -7.71
N VAL B 29 7.37 -15.41 -6.12
N VAL B 29 7.48 -15.46 -6.45
CA VAL B 29 7.92 -14.13 -5.68
CA VAL B 29 8.16 -14.24 -6.10
C VAL B 29 9.07 -14.44 -4.73
C VAL B 29 9.16 -14.58 -5.00
N SER B 30 10.23 -13.81 -4.96
CA SER B 30 11.31 -14.01 -4.01
C SER B 30 10.88 -13.53 -2.63
N SER B 31 11.17 -14.36 -1.63
N SER B 31 11.15 -14.35 -1.62
CA SER B 31 10.88 -13.96 -0.25
CA SER B 31 10.86 -13.95 -0.25
C SER B 31 11.64 -12.73 0.19
C SER B 31 11.54 -12.63 0.09
N SER B 32 12.70 -12.36 -0.52
CA SER B 32 13.45 -11.19 -0.13
C SER B 32 12.70 -9.92 -0.46
N TYR B 33 11.63 -10.00 -1.26
CA TYR B 33 10.95 -8.78 -1.69
C TYR B 33 9.47 -8.83 -1.41
N LEU B 34 9.09 -9.31 -0.25
CA LEU B 34 7.69 -9.41 0.19
C LEU B 34 7.61 -8.73 1.55
N ALA B 35 6.69 -7.77 1.69
CA ALA B 35 6.54 -7.03 2.95
C ALA B 35 5.10 -7.05 3.41
N TRP B 36 4.95 -6.79 4.70
CA TRP B 36 3.61 -6.66 5.31
C TRP B 36 3.52 -5.34 6.03
N TYR B 37 2.32 -4.74 5.97
CA TYR B 37 2.05 -3.44 6.58
C TYR B 37 0.75 -3.48 7.36
N GLN B 38 0.66 -2.62 8.39
CA GLN B 38 -0.56 -2.41 9.16
C GLN B 38 -1.07 -1.01 8.87
N GLN B 39 -2.35 -0.86 8.59
CA GLN B 39 -2.93 0.47 8.40
C GLN B 39 -4.11 0.68 9.33
N LYS B 40 -4.06 1.75 10.12
CA LYS B 40 -5.16 2.20 10.95
C LYS B 40 -5.86 3.36 10.27
N PRO B 41 -7.12 3.63 10.63
CA PRO B 41 -7.87 4.68 9.94
C PRO B 41 -7.17 6.02 10.03
N GLY B 42 -7.10 6.70 8.89
CA GLY B 42 -6.56 8.05 8.87
C GLY B 42 -5.04 8.09 8.87
N GLN B 43 -4.37 6.95 8.80
CA GLN B 43 -2.92 6.89 8.85
C GLN B 43 -2.35 6.18 7.64
N ALA B 44 -1.11 6.51 7.31
CA ALA B 44 -0.38 5.74 6.33
C ALA B 44 -0.07 4.35 6.86
N PRO B 45 0.13 3.39 5.97
CA PRO B 45 0.54 2.05 6.43
C PRO B 45 1.88 2.10 7.14
N ARG B 46 2.05 1.21 8.09
CA ARG B 46 3.26 1.10 8.88
C ARG B 46 3.90 -0.25 8.54
N LEU B 47 5.19 -0.24 8.25
CA LEU B 47 5.89 -1.47 7.88
C LEU B 47 6.05 -2.37 9.11
N LEU B 48 5.59 -3.63 8.97
CA LEU B 48 5.77 -4.61 10.04
C LEU B 48 6.89 -5.58 9.74
N ILE B 49 6.87 -6.16 8.52
CA ILE B 49 7.76 -7.26 8.14
C ILE B 49 8.28 -6.95 6.75
N TYR B 50 9.58 -7.20 6.51
CA TYR B 50 10.10 -7.09 5.16
C TYR B 50 10.92 -8.33 4.88
N GLY B 51 11.20 -8.58 3.61
CA GLY B 51 11.91 -9.82 3.29
C GLY B 51 11.20 -11.04 3.82
N ALA B 52 9.86 -11.02 3.81
CA ALA B 52 8.96 -12.11 4.19
C ALA B 52 8.94 -12.40 5.68
N SER B 53 10.08 -12.27 6.38
CA SER B 53 10.14 -12.71 7.76
C SER B 53 10.95 -11.78 8.68
N SER B 54 11.56 -10.72 8.17
CA SER B 54 12.34 -9.83 9.04
C SER B 54 11.43 -8.73 9.62
N ARG B 55 11.45 -8.58 10.95
N ARG B 55 11.48 -8.57 10.94
CA ARG B 55 10.64 -7.55 11.58
CA ARG B 55 10.68 -7.55 11.59
C ARG B 55 11.36 -6.21 11.46
C ARG B 55 11.36 -6.20 11.49
N ALA B 56 10.57 -5.18 11.16
CA ALA B 56 11.10 -3.83 11.12
C ALA B 56 11.39 -3.33 12.53
N THR B 57 12.24 -2.30 12.63
CA THR B 57 12.64 -1.77 13.93
C THR B 57 11.43 -1.42 14.80
N GLY B 58 11.44 -1.90 16.04
CA GLY B 58 10.40 -1.57 17.00
C GLY B 58 9.14 -2.43 16.89
N ILE B 59 9.03 -3.31 15.91
CA ILE B 59 7.82 -4.15 15.76
C ILE B 59 7.91 -5.31 16.75
N PRO B 60 6.87 -5.55 17.54
CA PRO B 60 6.93 -6.61 18.56
C PRO B 60 7.01 -8.02 17.98
N ASP B 61 7.61 -8.89 18.78
CA ASP B 61 7.90 -10.23 18.27
C ASP B 61 6.67 -11.11 18.14
N ARG B 62 5.48 -10.64 18.57
CA ARG B 62 4.26 -11.40 18.28
C ARG B 62 3.91 -11.40 16.80
N PHE B 63 4.50 -10.54 15.99
CA PHE B 63 4.30 -10.51 14.55
C PHE B 63 5.38 -11.38 13.91
N SER B 64 4.97 -12.38 13.14
CA SER B 64 5.94 -13.28 12.53
C SER B 64 5.51 -13.50 11.08
N GLY B 65 6.46 -13.50 10.17
CA GLY B 65 6.16 -13.73 8.78
C GLY B 65 6.90 -14.96 8.28
N SER B 66 6.29 -15.65 7.32
N SER B 66 6.27 -15.68 7.34
CA SER B 66 6.93 -16.79 6.68
CA SER B 66 6.89 -16.83 6.71
C SER B 66 6.43 -16.89 5.26
C SER B 66 6.37 -16.97 5.28
N GLY B 67 7.03 -17.81 4.51
CA GLY B 67 6.49 -18.14 3.21
C GLY B 67 7.54 -18.20 2.15
N SER B 68 7.10 -18.69 1.01
CA SER B 68 7.96 -18.92 -0.14
C SER B 68 7.10 -19.32 -1.32
N GLY B 69 7.67 -19.22 -2.53
CA GLY B 69 7.01 -19.64 -3.74
C GLY B 69 5.92 -18.66 -4.08
N THR B 70 4.66 -19.08 -3.96
CA THR B 70 3.56 -18.16 -4.18
C THR B 70 2.76 -17.89 -2.92
N ASP B 71 3.13 -18.46 -1.76
CA ASP B 71 2.26 -18.41 -0.58
C ASP B 71 3.01 -17.87 0.62
N PHE B 72 2.51 -16.76 1.19
CA PHE B 72 3.18 -16.08 2.29
C PHE B 72 2.16 -15.92 3.41
N THR B 73 2.65 -15.86 4.66
N THR B 73 2.65 -15.91 4.64
CA THR B 73 1.76 -15.85 5.81
CA THR B 73 1.76 -15.76 5.78
C THR B 73 2.26 -14.90 6.89
C THR B 73 2.30 -14.69 6.72
N LEU B 74 1.36 -14.08 7.42
CA LEU B 74 1.64 -13.23 8.59
C LEU B 74 0.88 -13.84 9.76
N THR B 75 1.57 -14.14 10.85
CA THR B 75 0.95 -14.67 12.06
C THR B 75 1.06 -13.61 13.14
N ILE B 76 -0.04 -13.33 13.83
CA ILE B 76 -0.01 -12.52 15.04
C ILE B 76 -0.31 -13.49 16.16
N SER B 77 0.70 -13.80 16.97
CA SER B 77 0.62 -14.99 17.83
C SER B 77 -0.46 -14.84 18.89
N ARG B 78 -0.61 -13.64 19.46
CA ARG B 78 -1.61 -13.37 20.48
C ARG B 78 -1.99 -11.91 20.26
N LEU B 79 -3.20 -11.66 19.77
CA LEU B 79 -3.63 -10.31 19.40
C LEU B 79 -3.73 -9.43 20.63
N GLU B 80 -3.18 -8.23 20.54
CA GLU B 80 -3.41 -7.17 21.51
C GLU B 80 -4.45 -6.21 20.96
N PRO B 81 -5.11 -5.43 21.82
CA PRO B 81 -6.12 -4.49 21.29
C PRO B 81 -5.60 -3.54 20.19
N GLU B 82 -4.36 -3.10 20.24
CA GLU B 82 -3.83 -2.22 19.19
C GLU B 82 -3.60 -2.92 17.84
N ASP B 83 -3.83 -4.24 17.75
CA ASP B 83 -3.54 -4.98 16.54
C ASP B 83 -4.75 -5.06 15.62
N PHE B 84 -5.92 -4.57 16.04
CA PHE B 84 -7.08 -4.59 15.17
C PHE B 84 -6.97 -3.45 14.16
N ALA B 85 -6.87 -3.82 12.90
CA ALA B 85 -6.47 -2.90 11.84
C ALA B 85 -6.55 -3.64 10.50
N VAL B 86 -6.14 -3.01 9.41
CA VAL B 86 -6.07 -3.69 8.12
C VAL B 86 -4.62 -4.00 7.79
N TYR B 87 -4.36 -5.20 7.29
CA TYR B 87 -3.00 -5.66 7.01
C TYR B 87 -2.89 -5.89 5.51
N TYR B 88 -1.82 -5.34 4.91
CA TYR B 88 -1.57 -5.47 3.47
C TYR B 88 -0.24 -6.14 3.25
N CYS B 89 -0.20 -6.99 2.25
N CYS B 89 -0.17 -7.02 2.27
CA CYS B 89 1.05 -7.48 1.71
CA CYS B 89 1.12 -7.50 1.78
C CYS B 89 1.53 -6.56 0.60
C CYS B 89 1.47 -6.78 0.48
N GLN B 90 2.78 -6.75 0.17
CA GLN B 90 3.31 -6.00 -0.97
C GLN B 90 4.48 -6.79 -1.52
N GLN B 91 4.59 -6.87 -2.85
CA GLN B 91 5.78 -7.43 -3.51
C GLN B 91 6.51 -6.29 -4.20
N TYR B 92 7.84 -6.27 -4.04
CA TYR B 92 8.66 -5.19 -4.62
C TYR B 92 9.89 -5.76 -5.29
N GLY B 93 9.76 -6.93 -5.89
CA GLY B 93 10.92 -7.56 -6.49
C GLY B 93 10.97 -7.52 -7.99
N SER B 94 9.84 -7.28 -8.62
CA SER B 94 9.81 -7.34 -10.07
C SER B 94 8.50 -6.74 -10.52
N SER B 95 8.56 -6.14 -11.70
CA SER B 95 7.44 -5.56 -12.41
C SER B 95 6.93 -4.44 -11.50
N ARG B 96 5.65 -4.17 -11.56
CA ARG B 96 5.09 -3.14 -10.70
C ARG B 96 5.08 -3.62 -9.26
N PHE B 97 5.30 -2.70 -8.32
CA PHE B 97 5.41 -3.07 -6.90
C PHE B 97 4.03 -2.99 -6.26
N THR B 98 3.24 -4.04 -6.38
CA THR B 98 1.85 -3.99 -6.00
C THR B 98 1.59 -4.47 -4.59
N PHE B 99 0.46 -4.01 -4.07
CA PHE B 99 -0.10 -4.43 -2.79
C PHE B 99 -1.21 -5.44 -3.00
N GLY B 100 -1.41 -6.29 -2.00
CA GLY B 100 -2.63 -7.06 -1.92
C GLY B 100 -3.80 -6.18 -1.50
N PRO B 101 -5.01 -6.75 -1.50
CA PRO B 101 -6.21 -5.96 -1.23
C PRO B 101 -6.51 -5.78 0.25
N GLY B 102 -5.75 -6.40 1.13
CA GLY B 102 -5.92 -6.16 2.56
C GLY B 102 -6.75 -7.22 3.25
N THR B 103 -6.42 -7.47 4.51
CA THR B 103 -7.24 -8.28 5.41
C THR B 103 -7.60 -7.40 6.59
N LYS B 104 -8.91 -7.23 6.85
CA LYS B 104 -9.37 -6.47 8.00
C LYS B 104 -9.46 -7.42 9.20
N VAL B 105 -8.72 -7.12 10.26
CA VAL B 105 -8.81 -7.88 11.50
C VAL B 105 -9.62 -7.04 12.48
N ASP B 106 -10.83 -7.51 12.81
CA ASP B 106 -11.83 -6.80 13.62
C ASP B 106 -12.05 -7.51 14.96
N ILE B 107 -12.57 -6.77 15.95
CA ILE B 107 -12.86 -7.36 17.27
C ILE B 107 -14.11 -8.23 17.20
N LYS B 108 -13.99 -9.47 17.65
CA LYS B 108 -15.11 -10.39 17.63
C LYS B 108 -16.19 -9.95 18.59
N GLY B 109 -17.44 -10.09 18.17
CA GLY B 109 -18.55 -9.85 19.06
C GLY B 109 -19.02 -8.42 19.13
N SER B 110 -18.51 -7.55 18.26
CA SER B 110 -18.92 -6.15 18.17
C SER B 110 -20.44 -5.94 18.25
OH2 1PE C . 15.98 -0.61 0.29
C12 1PE C . 16.62 -0.23 1.51
C22 1PE C . 17.17 -1.48 2.18
OH3 1PE C . 16.08 -2.34 2.55
C13 1PE C . 14.47 -2.87 4.27
C23 1PE C . 15.72 -2.08 3.89
OH4 1PE C . 13.44 -2.68 3.31
C14 1PE C . 11.35 -3.22 2.93
C24 1PE C . 12.21 -2.53 3.94
OH5 1PE C . 10.27 -2.41 2.62
C15 1PE C . 9.67 -1.51 0.61
C25 1PE C . 10.66 -1.45 1.72
OH6 1PE C . 9.80 -0.38 -0.20
C16 1PE C . 10.89 -0.85 -2.31
C26 1PE C . 11.03 -0.37 -0.89
OH7 1PE C . 12.21 -1.09 -2.80
C1 MLI D . 6.42 -0.42 -14.21
C2 MLI D . 7.41 -1.47 -13.67
C3 MLI D . 6.23 -0.48 -15.72
O6 MLI D . 8.18 -2.09 -14.45
O7 MLI D . 7.41 -1.70 -12.44
O8 MLI D . 7.14 -0.12 -16.49
O9 MLI D . 5.12 -0.92 -16.15
O1 PG4 E . -10.24 6.02 6.96
C1 PG4 E . -10.20 4.60 7.15
C2 PG4 E . -9.01 4.11 6.35
O2 PG4 E . -8.00 5.10 6.39
C3 PG4 E . -6.98 4.76 5.46
C4 PG4 E . -6.03 5.91 5.22
O3 PG4 E . -6.69 7.14 5.15
C5 PG4 E . -5.76 8.20 5.13
C6 PG4 E . -6.41 9.50 4.80
O4 PG4 E . -7.12 9.98 5.93
C7 PG4 E . -6.61 11.20 6.41
C8 PG4 E . -7.75 11.97 7.08
O5 PG4 E . -8.71 11.06 7.59
#